data_1SKV
#
_entry.id   1SKV
#
_cell.length_a   110.650
_cell.length_b   110.650
_cell.length_c   47.450
_cell.angle_alpha   90.00
_cell.angle_beta   90.00
_cell.angle_gamma   120.00
#
_symmetry.space_group_name_H-M   'P 62'
#
loop_
_entity.id
_entity.type
_entity.pdbx_description
1 polymer 'Hypothetical 7.5 kDa protein'
2 water water
#
_entity_poly.entity_id   1
_entity_poly.type   'polypeptide(L)'
_entity_poly.pdbx_seq_one_letter_code
;MSKEVLEKELFE(MSE)LDEDVRELLSLIHEIKIDRITGN(MSE)DKQKLGKAYFQVQKIEAELYQLIKVSHHHHHH
;
_entity_poly.pdbx_strand_id   A,B,C,D
#
# COMPACT_ATOMS: atom_id res chain seq x y z
N SER A 2 -20.15 19.71 23.01
CA SER A 2 -19.35 19.86 21.75
C SER A 2 -18.48 18.63 21.50
N LYS A 3 -18.93 17.46 21.95
CA LYS A 3 -18.15 16.25 21.81
C LYS A 3 -18.38 15.65 20.43
N GLU A 4 -19.52 16.01 19.83
CA GLU A 4 -19.89 15.55 18.49
C GLU A 4 -19.05 16.21 17.40
N VAL A 5 -18.51 17.40 17.68
CA VAL A 5 -17.57 18.06 16.75
C VAL A 5 -16.10 17.78 17.05
N LEU A 6 -15.80 17.55 18.33
CA LEU A 6 -14.52 17.05 18.80
C LEU A 6 -14.32 15.62 18.29
N GLU A 7 -15.40 14.87 18.17
CA GLU A 7 -15.34 13.56 17.54
C GLU A 7 -15.15 13.70 16.02
N LYS A 8 -16.00 14.54 15.40
CA LYS A 8 -16.05 14.68 13.95
C LYS A 8 -14.72 15.19 13.39
N GLU A 9 -14.02 16.00 14.18
CA GLU A 9 -12.74 16.54 13.77
C GLU A 9 -11.60 15.54 14.02
N LEU A 10 -11.71 14.77 15.12
CA LEU A 10 -10.84 13.65 15.40
C LEU A 10 -10.94 12.62 14.31
N PHE A 11 -12.15 12.34 13.85
CA PHE A 11 -12.27 11.41 12.74
C PHE A 11 -11.58 11.95 11.51
N GLU A 12 -11.60 13.27 11.38
CA GLU A 12 -11.06 13.91 10.20
C GLU A 12 -9.55 13.88 10.29
N LEU A 14 -7.71 11.77 12.02
CA LEU A 14 -7.34 10.39 11.82
C LEU A 14 -7.28 10.00 10.35
N ASP A 15 -8.29 10.35 9.57
CA ASP A 15 -8.36 9.94 8.18
C ASP A 15 -7.22 10.57 7.33
N GLU A 16 -6.95 11.83 7.60
CA GLU A 16 -5.99 12.55 6.83
C GLU A 16 -4.61 12.06 7.21
N ASP A 17 -4.39 11.89 8.52
CA ASP A 17 -3.13 11.41 9.08
C ASP A 17 -2.77 9.99 8.67
N VAL A 18 -3.77 9.13 8.57
CA VAL A 18 -3.52 7.77 8.12
C VAL A 18 -3.18 7.74 6.62
N ARG A 19 -3.91 8.55 5.84
CA ARG A 19 -3.70 8.66 4.38
C ARG A 19 -2.31 9.17 4.11
N GLU A 20 -1.89 10.17 4.88
CA GLU A 20 -0.52 10.65 4.94
C GLU A 20 0.44 9.52 5.23
N LEU A 21 0.15 8.73 6.26
CA LEU A 21 1.06 7.64 6.64
C LEU A 21 1.25 6.69 5.46
N LEU A 22 0.15 6.35 4.79
CA LEU A 22 0.19 5.48 3.62
C LEU A 22 1.08 6.02 2.48
N SER A 23 0.84 7.24 2.08
CA SER A 23 1.68 7.90 1.08
C SER A 23 3.13 7.82 1.48
N LEU A 24 3.39 8.10 2.77
CA LEU A 24 4.75 8.05 3.33
C LEU A 24 5.40 6.68 3.19
N ILE A 25 4.68 5.62 3.58
CA ILE A 25 5.15 4.26 3.37
C ILE A 25 5.51 4.07 1.87
N HIS A 26 4.70 4.62 1.00
CA HIS A 26 4.89 4.43 -0.43
C HIS A 26 6.13 5.18 -0.90
N GLU A 27 6.32 6.40 -0.41
CA GLU A 27 7.46 7.21 -0.76
C GLU A 27 8.73 6.66 -0.17
N ILE A 28 8.69 6.24 1.09
CA ILE A 28 9.87 5.64 1.75
C ILE A 28 10.40 4.39 1.04
N LYS A 29 9.48 3.50 0.63
CA LYS A 29 9.85 2.36 -0.22
C LYS A 29 10.67 2.79 -1.41
N ILE A 30 10.15 3.78 -2.13
CA ILE A 30 10.83 4.24 -3.34
C ILE A 30 12.22 4.72 -3.00
N ASP A 31 12.30 5.58 -1.98
CA ASP A 31 13.58 6.03 -1.42
C ASP A 31 14.60 4.94 -1.07
N ARG A 32 14.12 3.77 -0.65
CA ARG A 32 15.01 2.66 -0.30
C ARG A 32 15.56 1.98 -1.54
N ILE A 33 14.67 1.60 -2.45
CA ILE A 33 15.05 0.93 -3.69
C ILE A 33 16.09 1.81 -4.34
N THR A 34 15.87 3.11 -4.20
CA THR A 34 16.61 4.11 -4.92
C THR A 34 17.89 4.64 -4.25
N GLY A 35 18.10 4.28 -2.97
CA GLY A 35 19.23 4.77 -2.20
C GLY A 35 19.20 6.26 -1.86
N ASN A 36 18.02 6.85 -1.78
CA ASN A 36 17.95 8.25 -1.46
C ASN A 36 18.50 8.56 -0.04
N ASP A 38 18.23 11.30 1.79
CA ASP A 38 17.25 11.91 2.65
C ASP A 38 16.32 10.85 3.25
N LYS A 39 16.42 10.66 4.56
CA LYS A 39 15.67 9.63 5.28
C LYS A 39 14.53 10.26 6.04
N GLN A 40 14.27 11.53 5.75
CA GLN A 40 13.32 12.33 6.53
C GLN A 40 11.88 11.86 6.50
N LYS A 41 11.53 11.10 5.47
CA LYS A 41 10.20 10.61 5.28
C LYS A 41 9.96 9.46 6.23
N LEU A 42 11.02 8.72 6.56
CA LEU A 42 10.93 7.67 7.58
C LEU A 42 10.65 8.24 9.01
N GLY A 43 11.33 9.31 9.40
CA GLY A 43 11.10 9.90 10.71
C GLY A 43 9.78 10.65 10.77
N LYS A 44 9.38 11.25 9.66
CA LYS A 44 8.04 11.78 9.57
C LYS A 44 6.96 10.67 9.73
N ALA A 45 7.20 9.50 9.11
CA ALA A 45 6.34 8.33 9.30
C ALA A 45 6.27 7.90 10.78
N TYR A 46 7.39 7.99 11.48
CA TYR A 46 7.41 7.56 12.88
C TYR A 46 6.58 8.54 13.66
N PHE A 47 6.73 9.84 13.36
CA PHE A 47 5.98 10.92 13.97
C PHE A 47 4.51 10.74 13.67
N GLN A 48 4.18 10.33 12.45
CA GLN A 48 2.77 10.20 12.08
C GLN A 48 2.06 9.14 12.91
N VAL A 49 2.65 7.93 13.10
CA VAL A 49 1.98 6.94 13.95
C VAL A 49 1.75 7.44 15.38
N GLN A 50 2.66 8.26 15.93
CA GLN A 50 2.60 8.65 17.34
C GLN A 50 1.52 9.70 17.55
N LYS A 51 1.31 10.46 16.48
CA LYS A 51 0.28 11.45 16.42
C LYS A 51 -1.09 10.76 16.13
N ILE A 52 -1.11 9.75 15.29
CA ILE A 52 -2.28 8.90 15.10
C ILE A 52 -2.71 8.20 16.43
N GLU A 53 -1.73 7.65 17.14
CA GLU A 53 -1.89 7.03 18.45
C GLU A 53 -2.53 7.97 19.47
N ALA A 54 -2.13 9.24 19.50
CA ALA A 54 -2.64 10.15 20.51
C ALA A 54 -4.05 10.62 20.13
N GLU A 55 -4.30 10.80 18.85
CA GLU A 55 -5.62 11.13 18.32
C GLU A 55 -6.65 10.03 18.60
N LEU A 56 -6.28 8.79 18.28
CA LEU A 56 -7.14 7.65 18.49
C LEU A 56 -7.44 7.45 19.98
N TYR A 57 -6.45 7.70 20.83
CA TYR A 57 -6.64 7.62 22.27
C TYR A 57 -7.69 8.67 22.71
N GLN A 58 -7.57 9.92 22.24
CA GLN A 58 -8.57 10.94 22.51
C GLN A 58 -9.91 10.50 22.02
N LEU A 59 -9.97 9.99 20.80
CA LEU A 59 -11.22 9.56 20.22
C LEU A 59 -11.86 8.47 21.08
N ILE A 60 -11.04 7.62 21.67
CA ILE A 60 -11.59 6.59 22.53
C ILE A 60 -12.20 7.18 23.82
N LYS A 61 -11.45 8.08 24.46
CA LYS A 61 -11.83 8.72 25.70
C LYS A 61 -13.05 9.62 25.56
N VAL A 62 -13.24 10.16 24.37
CA VAL A 62 -14.35 11.04 24.02
C VAL A 62 -15.56 10.24 23.53
N SER A 63 -15.32 9.14 22.83
CA SER A 63 -16.39 8.30 22.28
C SER A 63 -17.30 7.69 23.38
N HIS A 64 -16.72 7.48 24.55
CA HIS A 64 -17.42 6.84 25.67
C HIS A 64 -17.05 7.57 26.97
N HIS A 65 -18.06 8.07 27.71
CA HIS A 65 -17.83 8.64 29.04
C HIS A 65 -16.90 7.76 29.91
N LEU B 6 14.45 -8.84 6.51
CA LEU B 6 12.98 -8.97 6.40
C LEU B 6 12.36 -7.59 6.11
N GLU B 7 13.19 -6.68 5.62
CA GLU B 7 12.76 -5.38 5.15
C GLU B 7 11.66 -5.50 4.06
N LYS B 8 11.85 -6.42 3.13
CA LYS B 8 10.86 -6.66 2.12
C LYS B 8 9.52 -6.87 2.83
N GLU B 9 9.50 -7.77 3.81
CA GLU B 9 8.25 -8.18 4.50
C GLU B 9 7.68 -7.07 5.40
N LEU B 10 8.55 -6.34 6.08
CA LEU B 10 8.14 -5.26 6.95
C LEU B 10 7.34 -4.26 6.15
N PHE B 11 7.87 -3.88 4.98
CA PHE B 11 7.22 -2.91 4.11
C PHE B 11 5.87 -3.48 3.65
N GLU B 12 5.85 -4.76 3.32
CA GLU B 12 4.61 -5.33 2.88
C GLU B 12 3.53 -5.28 3.95
N LEU B 14 3.43 -3.28 6.77
CA LEU B 14 3.16 -1.86 6.98
C LEU B 14 2.07 -1.35 6.06
N ASP B 15 2.23 -1.58 4.77
CA ASP B 15 1.30 -1.07 3.78
C ASP B 15 -0.04 -1.73 3.97
N GLU B 16 -0.05 -3.05 4.14
CA GLU B 16 -1.28 -3.75 4.42
C GLU B 16 -1.93 -3.31 5.76
N ASP B 17 -1.14 -3.06 6.79
CA ASP B 17 -1.71 -2.70 8.07
C ASP B 17 -2.28 -1.30 8.04
N VAL B 18 -1.53 -0.38 7.43
CA VAL B 18 -1.99 0.98 7.28
C VAL B 18 -3.28 1.09 6.44
N ARG B 19 -3.40 0.30 5.36
CA ARG B 19 -4.65 0.30 4.56
C ARG B 19 -5.80 -0.13 5.46
N GLU B 20 -5.61 -1.29 6.07
CA GLU B 20 -6.58 -1.86 6.94
C GLU B 20 -7.03 -0.85 7.99
N LEU B 21 -6.13 -0.01 8.44
CA LEU B 21 -6.46 0.94 9.49
C LEU B 21 -7.40 2.00 8.95
N LEU B 22 -7.17 2.42 7.71
CA LEU B 22 -8.04 3.39 7.03
C LEU B 22 -9.45 2.83 6.96
N SER B 23 -9.56 1.61 6.45
CA SER B 23 -10.82 0.92 6.38
C SER B 23 -11.49 0.91 7.72
N LEU B 24 -10.70 0.62 8.75
CA LEU B 24 -11.23 0.46 10.09
C LEU B 24 -11.75 1.80 10.60
N ILE B 25 -10.96 2.86 10.47
CA ILE B 25 -11.44 4.21 10.78
C ILE B 25 -12.79 4.54 10.09
N HIS B 26 -12.90 4.15 8.82
CA HIS B 26 -14.11 4.41 8.03
C HIS B 26 -15.30 3.68 8.64
N GLU B 27 -15.13 2.36 8.80
CA GLU B 27 -16.05 1.47 9.47
C GLU B 27 -16.49 2.04 10.81
N ILE B 28 -15.53 2.50 11.63
CA ILE B 28 -15.93 3.07 12.93
C ILE B 28 -16.77 4.33 12.73
N LYS B 29 -16.40 5.22 11.82
CA LYS B 29 -17.19 6.45 11.59
C LYS B 29 -18.69 6.13 11.37
N ILE B 30 -18.98 5.32 10.36
CA ILE B 30 -20.31 4.74 10.13
C ILE B 30 -20.99 4.04 11.35
N ASP B 31 -20.25 3.20 12.06
CA ASP B 31 -20.73 2.54 13.28
C ASP B 31 -21.30 3.51 14.33
N ARG B 32 -20.59 4.61 14.57
CA ARG B 32 -21.11 5.67 15.40
C ARG B 32 -22.44 6.14 14.85
N ILE B 33 -22.49 6.42 13.55
CA ILE B 33 -23.64 7.11 12.98
C ILE B 33 -24.83 6.21 12.73
N THR B 34 -24.60 4.89 12.67
CA THR B 34 -25.70 3.93 12.63
C THR B 34 -26.13 3.68 14.07
N GLY B 35 -25.64 4.52 14.98
CA GLY B 35 -25.72 4.23 16.39
C GLY B 35 -25.39 2.78 16.63
N ASN B 36 -24.11 2.46 16.68
CA ASN B 36 -23.68 1.07 16.74
C ASN B 36 -22.54 0.82 17.73
N ASP B 38 -19.15 0.11 18.37
CA ASP B 38 -17.88 0.32 17.72
C ASP B 38 -16.77 -0.09 18.68
N LYS B 39 -17.14 -0.46 19.91
CA LYS B 39 -16.17 -0.75 20.94
C LYS B 39 -15.10 -1.76 20.48
N GLN B 40 -15.52 -2.92 20.05
CA GLN B 40 -14.57 -3.92 19.64
C GLN B 40 -13.68 -3.38 18.49
N LYS B 41 -14.26 -2.56 17.64
CA LYS B 41 -13.57 -2.02 16.50
C LYS B 41 -12.64 -0.90 16.94
N LEU B 42 -13.03 -0.12 17.92
CA LEU B 42 -12.10 0.85 18.49
C LEU B 42 -10.83 0.13 19.04
N GLY B 43 -11.03 -0.95 19.81
CA GLY B 43 -9.97 -1.74 20.42
C GLY B 43 -9.08 -2.43 19.41
N LYS B 44 -9.70 -3.00 18.39
CA LYS B 44 -8.98 -3.52 17.26
C LYS B 44 -8.11 -2.42 16.58
N ALA B 45 -8.68 -1.23 16.34
CA ALA B 45 -7.90 -0.10 15.86
C ALA B 45 -6.74 0.22 16.80
N TYR B 46 -7.00 0.22 18.10
CA TYR B 46 -5.94 0.49 19.08
C TYR B 46 -4.72 -0.41 18.84
N PHE B 47 -4.95 -1.73 18.75
CA PHE B 47 -3.87 -2.68 18.58
C PHE B 47 -3.28 -2.57 17.20
N GLN B 48 -4.08 -2.17 16.25
CA GLN B 48 -3.58 -2.01 14.90
C GLN B 48 -2.49 -0.91 14.80
N VAL B 49 -2.75 0.27 15.34
CA VAL B 49 -1.73 1.34 15.45
C VAL B 49 -0.49 0.93 16.26
N GLN B 50 -0.70 0.19 17.35
CA GLN B 50 0.47 -0.30 18.10
C GLN B 50 1.33 -1.20 17.19
N LYS B 51 0.69 -2.08 16.44
CA LYS B 51 1.41 -2.96 15.55
C LYS B 51 2.13 -2.17 14.45
N ILE B 52 1.50 -1.12 13.92
CA ILE B 52 2.19 -0.28 12.95
C ILE B 52 3.40 0.38 13.59
N GLU B 53 3.22 0.90 14.81
CA GLU B 53 4.33 1.54 15.52
C GLU B 53 5.47 0.58 15.66
N ALA B 54 5.17 -0.71 15.93
CA ALA B 54 6.24 -1.67 16.20
C ALA B 54 6.99 -2.00 14.91
N GLU B 55 6.24 -2.21 13.84
CA GLU B 55 6.82 -2.33 12.49
C GLU B 55 7.62 -1.11 11.97
N LEU B 56 7.16 0.11 12.24
CA LEU B 56 7.92 1.31 11.87
C LEU B 56 9.18 1.44 12.69
N TYR B 57 9.13 0.91 13.93
CA TYR B 57 10.28 0.90 14.84
C TYR B 57 11.35 -0.09 14.36
N GLN B 58 10.91 -1.28 13.99
CA GLN B 58 11.73 -2.26 13.29
C GLN B 58 12.27 -1.70 11.98
N LEU B 59 11.46 -0.95 11.24
CA LEU B 59 11.94 -0.34 10.01
C LEU B 59 13.09 0.62 10.31
N ILE B 60 12.93 1.44 11.34
CA ILE B 60 14.00 2.29 11.80
C ILE B 60 15.27 1.53 12.21
N LYS B 61 15.13 0.35 12.85
CA LYS B 61 16.32 -0.42 13.24
C LYS B 61 17.05 -0.91 12.00
N VAL B 62 16.38 -1.70 11.18
CA VAL B 62 16.87 -2.06 9.84
C VAL B 62 17.55 -0.91 9.07
N SER B 63 16.94 0.26 8.98
CA SER B 63 17.52 1.37 8.20
C SER B 63 18.81 1.87 8.83
N HIS B 64 19.16 1.34 9.98
CA HIS B 64 20.22 1.94 10.74
C HIS B 64 21.39 1.00 10.90
N HIS B 65 21.50 0.02 10.00
CA HIS B 65 22.56 -0.99 10.10
C HIS B 65 22.38 -1.75 11.42
N HIS B 66 21.16 -2.23 11.65
CA HIS B 66 20.81 -2.88 12.91
C HIS B 66 19.90 -4.09 12.66
N GLU C 7 -15.71 -17.98 -2.33
CA GLU C 7 -14.26 -18.29 -2.50
C GLU C 7 -13.69 -17.77 -3.83
N LYS C 8 -14.61 -17.61 -4.78
CA LYS C 8 -14.36 -16.91 -6.05
C LYS C 8 -13.99 -15.44 -5.80
N GLU C 9 -14.05 -14.99 -4.55
CA GLU C 9 -13.69 -13.61 -4.22
C GLU C 9 -12.20 -13.38 -4.11
N LEU C 10 -11.41 -14.38 -4.52
CA LEU C 10 -9.97 -14.21 -4.67
C LEU C 10 -9.65 -13.91 -6.14
N PHE C 11 -10.55 -14.29 -7.04
CA PHE C 11 -10.43 -13.90 -8.43
C PHE C 11 -10.97 -12.50 -8.59
N GLU C 12 -12.04 -12.22 -7.86
CA GLU C 12 -12.58 -10.88 -7.77
C GLU C 12 -11.48 -9.96 -7.23
N LEU C 14 -7.95 -10.62 -7.57
CA LEU C 14 -6.94 -10.52 -8.64
C LEU C 14 -7.36 -9.56 -9.70
N ASP C 15 -8.54 -9.82 -10.25
CA ASP C 15 -9.02 -9.05 -11.38
C ASP C 15 -8.97 -7.56 -11.14
N GLU C 16 -9.59 -7.11 -10.06
CA GLU C 16 -9.55 -5.69 -9.70
C GLU C 16 -8.15 -5.09 -9.45
N ASP C 17 -7.26 -5.85 -8.84
CA ASP C 17 -5.93 -5.38 -8.44
C ASP C 17 -5.02 -5.20 -9.63
N VAL C 18 -5.13 -6.14 -10.58
CA VAL C 18 -4.41 -6.08 -11.84
C VAL C 18 -4.94 -4.95 -12.69
N ARG C 19 -6.25 -4.75 -12.65
CA ARG C 19 -6.84 -3.56 -13.26
C ARG C 19 -6.29 -2.25 -12.65
N GLU C 20 -6.21 -2.22 -11.31
CA GLU C 20 -5.76 -1.04 -10.58
C GLU C 20 -4.32 -0.75 -10.95
N LEU C 21 -3.56 -1.83 -11.09
CA LEU C 21 -2.16 -1.75 -11.49
C LEU C 21 -2.06 -1.06 -12.84
N LEU C 22 -2.85 -1.54 -13.81
CA LEU C 22 -2.88 -0.95 -15.15
C LEU C 22 -3.10 0.54 -15.11
N SER C 23 -4.17 0.94 -14.40
CA SER C 23 -4.47 2.36 -14.21
C SER C 23 -3.30 3.13 -13.65
N LEU C 24 -2.57 2.51 -12.71
CA LEU C 24 -1.45 3.22 -12.09
C LEU C 24 -0.35 3.43 -13.11
N ILE C 25 -0.01 2.39 -13.87
CA ILE C 25 1.01 2.52 -14.85
C ILE C 25 0.61 3.66 -15.78
N HIS C 26 -0.68 3.72 -16.12
CA HIS C 26 -1.14 4.77 -17.04
C HIS C 26 -0.98 6.18 -16.48
N GLU C 27 -1.43 6.36 -15.25
CA GLU C 27 -1.27 7.66 -14.59
C GLU C 27 0.17 8.01 -14.36
N ILE C 28 0.97 7.03 -13.93
CA ILE C 28 2.37 7.32 -13.62
C ILE C 28 3.06 7.75 -14.91
N LYS C 29 2.69 7.12 -16.03
CA LYS C 29 3.26 7.51 -17.33
C LYS C 29 2.93 8.97 -17.65
N ILE C 30 1.65 9.32 -17.57
CA ILE C 30 1.30 10.73 -17.74
C ILE C 30 2.10 11.67 -16.83
N ASP C 31 2.24 11.34 -15.53
CA ASP C 31 3.03 12.19 -14.62
C ASP C 31 4.45 12.36 -15.15
N ARG C 32 5.04 11.28 -15.68
CA ARG C 32 6.44 11.41 -16.15
C ARG C 32 6.52 12.42 -17.29
N ILE C 33 5.70 12.25 -18.32
CA ILE C 33 5.67 13.21 -19.42
C ILE C 33 5.42 14.63 -18.91
N THR C 34 4.48 14.82 -17.97
CA THR C 34 4.19 16.16 -17.44
C THR C 34 5.20 16.71 -16.41
N GLY C 35 6.01 15.84 -15.80
CA GLY C 35 6.87 16.26 -14.70
C GLY C 35 6.19 16.42 -13.34
N ASN C 36 4.91 16.05 -13.24
CA ASN C 36 4.18 15.95 -11.98
C ASN C 36 4.61 14.72 -11.15
N ASP C 38 5.30 11.51 -9.28
CA ASP C 38 4.91 10.15 -9.51
C ASP C 38 5.20 9.23 -8.32
N LYS C 39 5.99 9.70 -7.35
CA LYS C 39 6.63 8.85 -6.31
C LYS C 39 5.64 8.00 -5.48
N GLN C 40 4.63 8.64 -4.90
CA GLN C 40 3.62 7.96 -4.08
C GLN C 40 2.95 6.85 -4.92
N LYS C 41 2.45 7.21 -6.11
CA LYS C 41 1.84 6.23 -7.02
C LYS C 41 2.80 5.13 -7.43
N LEU C 42 4.04 5.49 -7.70
CA LEU C 42 5.03 4.46 -8.00
C LEU C 42 5.18 3.44 -6.86
N GLY C 43 5.26 3.94 -5.64
CA GLY C 43 5.39 3.11 -4.47
C GLY C 43 4.13 2.29 -4.30
N LYS C 44 3.00 2.93 -4.58
CA LYS C 44 1.75 2.23 -4.47
C LYS C 44 1.72 1.02 -5.44
N ALA C 45 2.12 1.25 -6.69
CA ALA C 45 2.22 0.23 -7.74
C ALA C 45 3.12 -0.92 -7.27
N TYR C 46 4.27 -0.56 -6.65
CA TYR C 46 5.17 -1.57 -6.09
C TYR C 46 4.34 -2.50 -5.20
N PHE C 47 3.61 -1.91 -4.26
CA PHE C 47 2.79 -2.71 -3.32
C PHE C 47 1.63 -3.43 -4.01
N GLN C 48 1.06 -2.84 -5.04
CA GLN C 48 0.04 -3.52 -5.84
C GLN C 48 0.57 -4.85 -6.39
N VAL C 49 1.79 -4.81 -6.93
CA VAL C 49 2.41 -6.02 -7.45
C VAL C 49 2.54 -7.10 -6.36
N GLN C 50 3.24 -6.80 -5.27
CA GLN C 50 3.32 -7.72 -4.13
C GLN C 50 1.94 -8.25 -3.71
N LYS C 51 0.96 -7.37 -3.61
CA LYS C 51 -0.41 -7.80 -3.29
C LYS C 51 -0.91 -8.86 -4.30
N ILE C 52 -0.51 -8.73 -5.56
CA ILE C 52 -1.01 -9.61 -6.61
C ILE C 52 -0.33 -10.93 -6.46
N GLU C 53 0.95 -10.91 -6.12
CA GLU C 53 1.65 -12.14 -5.93
C GLU C 53 0.90 -12.86 -4.84
N ALA C 54 0.76 -12.17 -3.71
CA ALA C 54 0.13 -12.71 -2.53
C ALA C 54 -1.18 -13.40 -2.87
N GLU C 55 -2.07 -12.70 -3.56
CA GLU C 55 -3.33 -13.31 -4.00
C GLU C 55 -3.08 -14.56 -4.87
N LEU C 56 -2.19 -14.47 -5.85
CA LEU C 56 -1.87 -15.62 -6.69
C LEU C 56 -1.45 -16.80 -5.83
N TYR C 57 -0.44 -16.59 -4.99
CA TYR C 57 0.15 -17.60 -4.10
C TYR C 57 -0.91 -18.28 -3.20
N GLN C 58 -1.74 -17.47 -2.54
CA GLN C 58 -2.89 -17.96 -1.79
C GLN C 58 -3.68 -18.89 -2.70
N LEU C 59 -4.23 -18.32 -3.76
CA LEU C 59 -5.16 -19.01 -4.67
C LEU C 59 -4.53 -20.08 -5.60
N ILE C 60 -3.22 -20.31 -5.47
CA ILE C 60 -2.62 -21.53 -6.02
C ILE C 60 -2.94 -22.69 -5.08
N LYS C 61 -2.72 -22.49 -3.78
CA LYS C 61 -2.94 -23.50 -2.74
C LYS C 61 -4.39 -23.94 -2.57
N VAL C 62 -5.33 -22.99 -2.64
CA VAL C 62 -6.75 -23.37 -2.65
C VAL C 62 -7.29 -23.90 -4.02
N SER C 63 -6.41 -24.04 -5.02
CA SER C 63 -6.85 -24.59 -6.29
C SER C 63 -6.57 -26.08 -6.39
N HIS C 64 -5.38 -26.49 -5.99
CA HIS C 64 -5.05 -27.91 -5.92
C HIS C 64 -5.52 -28.53 -4.61
N SER D 2 18.91 8.71 -23.29
CA SER D 2 19.71 7.47 -22.93
C SER D 2 19.01 6.57 -21.89
N LYS D 3 18.90 7.07 -20.66
CA LYS D 3 18.06 6.46 -19.62
C LYS D 3 16.60 6.84 -19.90
N GLU D 4 16.45 7.95 -20.63
CA GLU D 4 15.21 8.41 -21.25
C GLU D 4 14.50 7.28 -22.03
N VAL D 5 15.27 6.60 -22.88
CA VAL D 5 14.71 5.57 -23.74
C VAL D 5 14.59 4.27 -22.96
N LEU D 6 15.53 4.02 -22.06
CA LEU D 6 15.38 2.92 -21.14
C LEU D 6 14.04 3.04 -20.32
N GLU D 7 13.77 4.21 -19.74
CA GLU D 7 12.54 4.41 -18.98
C GLU D 7 11.33 4.19 -19.89
N LYS D 8 11.43 4.68 -21.12
CA LYS D 8 10.34 4.61 -22.08
C LYS D 8 10.03 3.15 -22.45
N GLU D 9 11.10 2.41 -22.68
CA GLU D 9 11.01 1.00 -23.02
C GLU D 9 10.43 0.20 -21.87
N LEU D 10 10.83 0.53 -20.63
CA LEU D 10 10.36 -0.21 -19.43
C LEU D 10 8.90 0.04 -19.26
N PHE D 11 8.48 1.29 -19.42
CA PHE D 11 7.05 1.60 -19.35
C PHE D 11 6.25 0.74 -20.33
N GLU D 12 6.67 0.67 -21.59
CA GLU D 12 5.92 -0.10 -22.60
C GLU D 12 5.91 -1.58 -22.34
N LEU D 14 6.23 -2.95 -19.46
CA LEU D 14 5.41 -3.10 -18.29
C LEU D 14 3.91 -3.04 -18.65
N ASP D 15 3.53 -2.09 -19.51
CA ASP D 15 2.16 -2.12 -20.01
C ASP D 15 1.73 -3.41 -20.73
N GLU D 16 2.54 -3.94 -21.63
CA GLU D 16 2.06 -5.16 -22.32
C GLU D 16 1.96 -6.32 -21.36
N ASP D 17 2.99 -6.50 -20.55
CA ASP D 17 2.94 -7.50 -19.48
C ASP D 17 1.71 -7.45 -18.57
N VAL D 18 1.31 -6.27 -18.13
CA VAL D 18 0.07 -6.16 -17.34
C VAL D 18 -1.21 -6.46 -18.17
N ARG D 19 -1.28 -5.91 -19.40
CA ARG D 19 -2.36 -6.27 -20.37
C ARG D 19 -2.39 -7.82 -20.61
N GLU D 20 -1.22 -8.36 -20.91
CA GLU D 20 -1.05 -9.79 -21.03
C GLU D 20 -1.69 -10.50 -19.85
N LEU D 21 -1.07 -10.34 -18.68
CA LEU D 21 -1.52 -10.92 -17.43
C LEU D 21 -3.02 -10.73 -17.25
N LEU D 22 -3.55 -9.55 -17.55
CA LEU D 22 -5.01 -9.30 -17.47
C LEU D 22 -5.84 -10.18 -18.44
N SER D 23 -5.22 -10.56 -19.55
CA SER D 23 -5.81 -11.51 -20.47
C SER D 23 -5.80 -12.90 -19.84
N LEU D 24 -4.65 -13.31 -19.30
CA LEU D 24 -4.56 -14.64 -18.67
C LEU D 24 -5.71 -14.85 -17.69
N ILE D 25 -5.92 -13.87 -16.81
CA ILE D 25 -6.96 -13.98 -15.79
C ILE D 25 -8.33 -14.27 -16.41
N HIS D 26 -8.69 -13.49 -17.43
CA HIS D 26 -10.02 -13.56 -18.05
C HIS D 26 -10.25 -14.84 -18.81
N GLU D 27 -9.28 -15.20 -19.63
CA GLU D 27 -9.13 -16.53 -20.14
C GLU D 27 -9.31 -17.59 -19.01
N ILE D 28 -8.57 -17.47 -17.90
CA ILE D 28 -8.69 -18.43 -16.77
C ILE D 28 -10.08 -18.43 -16.13
N LYS D 29 -10.70 -17.23 -16.04
CA LYS D 29 -12.04 -17.07 -15.45
C LYS D 29 -13.14 -17.75 -16.25
N LYS D 39 -3.23 -26.95 -12.20
CA LYS D 39 -3.48 -25.88 -13.16
C LYS D 39 -2.15 -25.28 -13.63
N GLN D 40 -1.80 -25.62 -14.88
CA GLN D 40 -0.58 -25.19 -15.57
C GLN D 40 -0.49 -23.65 -15.68
N LYS D 41 -1.66 -23.04 -15.88
CA LYS D 41 -1.83 -21.61 -16.20
C LYS D 41 -1.98 -20.67 -14.98
N LEU D 42 -2.50 -21.19 -13.86
CA LEU D 42 -2.43 -20.43 -12.60
C LEU D 42 -0.96 -20.22 -12.22
N GLY D 43 -0.18 -21.29 -12.29
CA GLY D 43 1.26 -21.22 -12.05
C GLY D 43 1.91 -20.26 -13.02
N LYS D 44 1.37 -20.18 -14.24
CA LYS D 44 1.94 -19.38 -15.32
C LYS D 44 1.75 -17.86 -15.08
N ALA D 45 0.51 -17.53 -14.72
CA ALA D 45 0.14 -16.22 -14.18
C ALA D 45 1.16 -15.74 -13.16
N TYR D 46 1.63 -16.67 -12.32
CA TYR D 46 2.53 -16.28 -11.25
C TYR D 46 3.90 -15.86 -11.75
N PHE D 47 4.38 -16.49 -12.80
CA PHE D 47 5.72 -16.22 -13.35
C PHE D 47 5.76 -14.89 -14.06
N GLN D 48 4.61 -14.59 -14.63
CA GLN D 48 4.33 -13.39 -15.36
C GLN D 48 4.52 -12.19 -14.41
N VAL D 49 3.74 -12.23 -13.31
CA VAL D 49 3.81 -11.24 -12.22
C VAL D 49 5.23 -11.02 -11.67
N GLN D 50 6.00 -12.10 -11.66
CA GLN D 50 7.35 -12.05 -11.14
C GLN D 50 8.22 -11.22 -12.09
N LYS D 51 7.89 -11.28 -13.38
CA LYS D 51 8.60 -10.51 -14.42
C LYS D 51 8.20 -9.02 -14.33
N ILE D 52 6.88 -8.82 -14.25
CA ILE D 52 6.33 -7.50 -13.99
C ILE D 52 7.02 -6.90 -12.78
N GLU D 53 7.09 -7.66 -11.70
CA GLU D 53 7.83 -7.22 -10.50
C GLU D 53 9.25 -6.73 -10.80
N ALA D 54 10.02 -7.45 -11.60
CA ALA D 54 11.42 -6.98 -11.83
C ALA D 54 11.54 -5.79 -12.74
N GLU D 55 10.64 -5.68 -13.72
CA GLU D 55 10.59 -4.47 -14.56
C GLU D 55 10.25 -3.21 -13.77
N LEU D 56 9.26 -3.35 -12.86
CA LEU D 56 8.84 -2.22 -12.03
C LEU D 56 10.01 -1.79 -11.21
N TYR D 57 10.64 -2.77 -10.56
CA TYR D 57 11.81 -2.51 -9.74
C TYR D 57 12.82 -1.72 -10.53
N GLN D 58 13.18 -2.27 -11.68
CA GLN D 58 14.13 -1.59 -12.55
C GLN D 58 13.67 -0.21 -12.95
N LEU D 59 12.39 -0.06 -13.32
CA LEU D 59 11.87 1.25 -13.69
C LEU D 59 11.99 2.27 -12.56
N ILE D 60 11.71 1.82 -11.33
CA ILE D 60 11.88 2.69 -10.18
C ILE D 60 13.34 3.14 -10.08
N LYS D 61 14.26 2.18 -10.19
CA LYS D 61 15.70 2.51 -10.13
C LYS D 61 16.07 3.56 -11.17
N VAL D 62 15.63 3.39 -12.42
CA VAL D 62 16.05 4.36 -13.44
C VAL D 62 15.33 5.69 -13.42
N SER D 63 14.03 5.69 -13.18
CA SER D 63 13.28 6.94 -13.28
C SER D 63 13.67 7.84 -12.14
N HIS D 64 13.94 7.21 -11.00
CA HIS D 64 14.25 7.93 -9.78
C HIS D 64 15.71 7.72 -9.37
N HIS D 65 16.63 7.80 -10.34
CA HIS D 65 18.06 7.80 -10.05
C HIS D 65 18.49 8.41 -8.67
N HIS D 66 17.71 9.39 -8.15
CA HIS D 66 17.85 10.07 -6.82
C HIS D 66 19.15 9.74 -6.07
#